data_3DR6
#
_entry.id   3DR6
#
_cell.length_a   162.898
_cell.length_b   70.229
_cell.length_c   59.157
_cell.angle_alpha   90.00
_cell.angle_beta   102.64
_cell.angle_gamma   90.00
#
_symmetry.space_group_name_H-M   'C 1 2 1'
#
loop_
_entity.id
_entity.type
_entity.pdbx_description
1 polymer yncA
2 non-polymer 1,2-ETHANEDIOL
3 non-polymer GLYCEROL
4 water water
#
_entity_poly.entity_id   1
_entity_poly.type   'polypeptide(L)'
_entity_poly.pdbx_seq_one_letter_code
;SNA(MSE)TIRFADKADCAAITEIYNHAVLHTAAIWNDRTVDTDNRLAWYEARQLLGYPVLVSEENGVVTGYASFGDWRS
FDGFRYTVEHSVYVHPAHQGKGLGRKLLSRLIDEARRCGKHV(MSE)VAGIESQNAASIRLHHSLGFTVTAQ(MSE)PQV
GVKFGRWLDLTF(MSE)QLQLDEHAAPDAC
;
_entity_poly.pdbx_strand_id   A,B,C
#
# COMPACT_ATOMS: atom_id res chain seq x y z
N ALA A 3 -30.92 -4.00 -19.39
CA ALA A 3 -30.45 -2.71 -18.77
C ALA A 3 -29.54 -2.99 -17.59
N THR A 5 -27.82 -4.31 -14.79
N THR A 5 -27.75 -4.28 -14.77
CA THR A 5 -27.94 -5.14 -13.59
CA THR A 5 -27.95 -5.18 -13.64
C THR A 5 -26.57 -5.73 -13.24
C THR A 5 -26.61 -5.81 -13.26
N ILE A 6 -26.46 -6.22 -12.01
CA ILE A 6 -25.29 -6.99 -11.56
C ILE A 6 -25.86 -8.27 -11.00
N ARG A 7 -25.28 -9.39 -11.40
CA ARG A 7 -25.74 -10.72 -10.94
C ARG A 7 -24.56 -11.60 -10.78
N PHE A 8 -24.76 -12.75 -10.12
CA PHE A 8 -23.73 -13.78 -10.14
C PHE A 8 -23.53 -14.34 -11.54
N ALA A 9 -22.27 -14.58 -11.88
CA ALA A 9 -21.89 -15.17 -13.16
C ALA A 9 -22.31 -16.63 -13.18
N ASP A 10 -22.49 -17.18 -14.37
CA ASP A 10 -22.57 -18.63 -14.52
C ASP A 10 -21.57 -19.05 -15.58
N LYS A 11 -21.50 -20.36 -15.85
CA LYS A 11 -20.49 -20.83 -16.79
C LYS A 11 -20.69 -20.34 -18.22
N ALA A 12 -21.93 -20.04 -18.60
CA ALA A 12 -22.16 -19.50 -19.96
C ALA A 12 -21.50 -18.11 -20.14
N ASP A 13 -21.21 -17.43 -19.04
CA ASP A 13 -20.53 -16.12 -19.09
C ASP A 13 -19.02 -16.17 -19.36
N CYS A 14 -18.44 -17.36 -19.39
N CYS A 14 -18.46 -17.38 -19.39
CA CYS A 14 -16.98 -17.46 -19.44
CA CYS A 14 -17.02 -17.60 -19.51
C CYS A 14 -16.32 -16.87 -20.71
C CYS A 14 -16.38 -16.87 -20.69
N ALA A 15 -16.95 -17.04 -21.88
CA ALA A 15 -16.39 -16.45 -23.11
C ALA A 15 -16.30 -14.92 -22.96
N ALA A 16 -17.39 -14.30 -22.50
CA ALA A 16 -17.41 -12.85 -22.29
C ALA A 16 -16.37 -12.38 -21.25
N ILE A 17 -16.29 -13.10 -20.13
CA ILE A 17 -15.31 -12.78 -19.11
C ILE A 17 -13.89 -12.89 -19.67
N THR A 18 -13.62 -13.98 -20.39
CA THR A 18 -12.28 -14.25 -20.95
C THR A 18 -11.80 -13.07 -21.79
N GLU A 19 -12.65 -12.56 -22.67
CA GLU A 19 -12.18 -11.46 -23.53
C GLU A 19 -12.05 -10.12 -22.80
N ILE A 20 -12.86 -9.89 -21.77
CA ILE A 20 -12.73 -8.67 -20.96
C ILE A 20 -11.40 -8.70 -20.19
N TYR A 21 -11.12 -9.87 -19.60
CA TYR A 21 -9.83 -10.12 -18.97
C TYR A 21 -8.66 -9.88 -19.94
N ASN A 22 -8.76 -10.43 -21.14
CA ASN A 22 -7.68 -10.30 -22.11
C ASN A 22 -7.46 -8.85 -22.49
N HIS A 23 -8.56 -8.10 -22.65
CA HIS A 23 -8.40 -6.69 -22.96
C HIS A 23 -7.64 -5.97 -21.86
N ALA A 24 -8.02 -6.25 -20.62
CA ALA A 24 -7.38 -5.65 -19.46
C ALA A 24 -5.89 -5.99 -19.42
N VAL A 25 -5.55 -7.26 -19.71
CA VAL A 25 -4.17 -7.76 -19.70
C VAL A 25 -3.30 -7.06 -20.77
N LEU A 26 -3.91 -6.73 -21.90
CA LEU A 26 -3.20 -6.13 -23.02
C LEU A 26 -3.03 -4.62 -22.84
N HIS A 27 -3.79 -4.04 -21.93
CA HIS A 27 -3.80 -2.58 -21.67
C HIS A 27 -3.41 -2.27 -20.19
N THR A 28 -4.05 -1.30 -19.56
N THR A 28 -4.05 -1.29 -19.57
CA THR A 28 -3.60 -0.86 -18.22
CA THR A 28 -3.61 -0.85 -18.25
C THR A 28 -4.41 -1.36 -17.03
C THR A 28 -4.31 -1.57 -17.08
N ALA A 29 -5.56 -1.97 -17.28
CA ALA A 29 -6.42 -2.42 -16.15
C ALA A 29 -5.83 -3.59 -15.35
N ALA A 30 -5.26 -4.58 -16.05
CA ALA A 30 -4.62 -5.72 -15.39
C ALA A 30 -3.11 -5.53 -15.56
N ILE A 31 -2.61 -4.54 -14.84
CA ILE A 31 -1.23 -4.09 -14.99
C ILE A 31 -0.14 -5.10 -14.59
N TRP A 32 -0.50 -6.12 -13.81
CA TRP A 32 0.50 -7.06 -13.28
C TRP A 32 0.62 -8.36 -14.09
N ASN A 33 -0.17 -8.49 -15.14
CA ASN A 33 -0.10 -9.64 -16.02
C ASN A 33 0.00 -9.20 -17.48
N ASP A 34 0.64 -10.02 -18.30
CA ASP A 34 0.85 -9.64 -19.69
C ASP A 34 0.37 -10.68 -20.72
N ARG A 35 0.02 -11.88 -20.27
CA ARG A 35 -0.35 -12.90 -21.24
C ARG A 35 -1.85 -13.15 -21.33
N THR A 36 -2.39 -13.17 -22.54
CA THR A 36 -3.81 -13.50 -22.70
C THR A 36 -4.04 -14.97 -22.37
N VAL A 37 -5.31 -15.32 -22.14
CA VAL A 37 -5.70 -16.70 -21.82
C VAL A 37 -6.89 -17.14 -22.67
N ASP A 38 -7.12 -18.44 -22.69
CA ASP A 38 -8.27 -18.99 -23.40
C ASP A 38 -9.45 -19.23 -22.45
N THR A 39 -10.60 -19.59 -23.02
N THR A 39 -10.59 -19.63 -23.00
CA THR A 39 -11.82 -19.82 -22.23
CA THR A 39 -11.80 -19.80 -22.19
C THR A 39 -11.65 -20.97 -21.24
C THR A 39 -11.72 -21.01 -21.25
N ASP A 40 -10.96 -22.05 -21.63
CA ASP A 40 -10.67 -23.16 -20.69
C ASP A 40 -9.95 -22.66 -19.43
N ASN A 41 -8.96 -21.78 -19.62
CA ASN A 41 -8.24 -21.17 -18.49
C ASN A 41 -9.19 -20.42 -17.53
N ARG A 42 -10.08 -19.59 -18.08
CA ARG A 42 -11.02 -18.86 -17.21
C ARG A 42 -12.09 -19.76 -16.63
N LEU A 43 -12.47 -20.80 -17.34
CA LEU A 43 -13.36 -21.82 -16.75
C LEU A 43 -12.70 -22.45 -15.49
N ALA A 44 -11.42 -22.78 -15.59
CA ALA A 44 -10.72 -23.37 -14.45
C ALA A 44 -10.65 -22.37 -13.30
N TRP A 45 -10.42 -21.10 -13.65
CA TRP A 45 -10.38 -20.00 -12.70
C TRP A 45 -11.74 -19.83 -11.99
N TYR A 46 -12.80 -19.87 -12.79
CA TYR A 46 -14.17 -19.83 -12.28
C TYR A 46 -14.47 -20.99 -11.30
N GLU A 47 -14.11 -22.20 -11.71
CA GLU A 47 -14.31 -23.39 -10.86
C GLU A 47 -13.55 -23.29 -9.53
N ALA A 48 -12.34 -22.72 -9.59
CA ALA A 48 -11.51 -22.53 -8.38
C ALA A 48 -12.16 -21.55 -7.40
N ARG A 49 -12.72 -20.46 -7.93
CA ARG A 49 -13.46 -19.49 -7.10
C ARG A 49 -14.68 -20.14 -6.45
N GLN A 50 -15.46 -20.89 -7.23
CA GLN A 50 -16.63 -21.56 -6.67
C GLN A 50 -16.25 -22.51 -5.56
N LEU A 51 -15.13 -23.20 -5.71
CA LEU A 51 -14.69 -24.12 -4.66
C LEU A 51 -14.43 -23.40 -3.32
N LEU A 52 -13.94 -22.17 -3.41
CA LEU A 52 -13.62 -21.36 -2.23
C LEU A 52 -14.88 -20.70 -1.69
N GLY A 53 -15.96 -20.75 -2.46
CA GLY A 53 -17.17 -20.01 -2.15
C GLY A 53 -17.06 -18.52 -2.39
N TYR A 54 -16.10 -18.12 -3.26
CA TYR A 54 -15.92 -16.70 -3.57
C TYR A 54 -16.72 -16.32 -4.81
N PRO A 55 -17.28 -15.10 -4.80
CA PRO A 55 -18.22 -14.72 -5.87
C PRO A 55 -17.54 -14.34 -7.16
N VAL A 56 -18.21 -14.64 -8.27
CA VAL A 56 -17.82 -14.03 -9.57
C VAL A 56 -19.10 -13.33 -9.99
N LEU A 57 -19.02 -12.00 -10.17
CA LEU A 57 -20.19 -11.17 -10.52
C LEU A 57 -19.98 -10.69 -11.97
N VAL A 58 -21.09 -10.46 -12.67
CA VAL A 58 -21.04 -9.76 -13.97
C VAL A 58 -22.00 -8.59 -13.93
N SER A 59 -21.63 -7.50 -14.62
CA SER A 59 -22.61 -6.46 -14.96
C SER A 59 -23.17 -6.79 -16.33
N GLU A 60 -24.41 -6.39 -16.60
CA GLU A 60 -25.04 -6.78 -17.85
C GLU A 60 -25.99 -5.67 -18.28
N GLU A 61 -26.18 -5.58 -19.59
CA GLU A 61 -27.07 -4.59 -20.18
C GLU A 61 -27.69 -5.27 -21.41
N ASN A 62 -29.02 -5.41 -21.41
CA ASN A 62 -29.74 -6.08 -22.52
C ASN A 62 -29.12 -7.42 -22.90
N GLY A 63 -28.77 -8.20 -21.89
CA GLY A 63 -28.26 -9.57 -22.08
C GLY A 63 -26.84 -9.64 -22.58
N VAL A 64 -26.11 -8.53 -22.53
CA VAL A 64 -24.69 -8.53 -22.90
C VAL A 64 -23.87 -8.25 -21.63
N VAL A 65 -22.83 -9.05 -21.39
CA VAL A 65 -21.95 -8.85 -20.25
C VAL A 65 -21.08 -7.60 -20.48
N THR A 66 -21.12 -6.66 -19.53
CA THR A 66 -20.43 -5.38 -19.69
C THR A 66 -19.23 -5.23 -18.74
N GLY A 67 -19.01 -6.23 -17.90
CA GLY A 67 -17.88 -6.20 -16.97
C GLY A 67 -18.01 -7.35 -15.97
N TYR A 68 -16.97 -7.55 -15.19
CA TYR A 68 -17.07 -8.57 -14.15
C TYR A 68 -16.19 -8.25 -12.95
N ALA A 69 -16.46 -8.94 -11.85
CA ALA A 69 -15.71 -8.69 -10.62
C ALA A 69 -15.60 -9.98 -9.81
N SER A 70 -14.48 -10.12 -9.11
CA SER A 70 -14.32 -11.27 -8.21
C SER A 70 -13.22 -10.92 -7.19
N PHE A 71 -12.99 -11.84 -6.27
CA PHE A 71 -11.78 -11.73 -5.46
C PHE A 71 -11.24 -13.10 -5.16
N GLY A 72 -9.96 -13.13 -4.79
CA GLY A 72 -9.31 -14.35 -4.38
C GLY A 72 -8.50 -14.08 -3.15
N ASP A 73 -7.84 -15.11 -2.64
CA ASP A 73 -6.99 -14.94 -1.47
C ASP A 73 -5.85 -13.98 -1.84
N TRP A 74 -5.60 -13.02 -0.96
CA TRP A 74 -4.55 -12.03 -1.23
C TRP A 74 -3.16 -12.69 -1.34
N ARG A 75 -2.82 -13.56 -0.38
CA ARG A 75 -1.49 -14.21 -0.34
C ARG A 75 -1.61 -15.69 -0.05
N SER A 76 -0.60 -16.44 -0.49
N SER A 76 -0.62 -16.46 -0.49
CA SER A 76 -0.58 -17.88 -0.35
CA SER A 76 -0.67 -17.92 -0.33
C SER A 76 0.10 -18.29 0.97
C SER A 76 0.04 -18.34 0.97
N PHE A 77 -0.46 -17.85 2.09
CA PHE A 77 -0.02 -18.30 3.42
C PHE A 77 -1.31 -18.32 4.23
N ASP A 78 -1.45 -19.29 5.14
CA ASP A 78 -2.77 -19.43 5.83
C ASP A 78 -3.09 -18.23 6.75
N GLY A 79 -2.06 -17.51 7.17
CA GLY A 79 -2.22 -16.33 8.09
C GLY A 79 -3.03 -15.20 7.43
N PHE A 80 -3.13 -15.20 6.09
CA PHE A 80 -3.90 -14.15 5.38
C PHE A 80 -5.34 -14.54 5.01
N ARG A 81 -5.84 -15.55 5.71
CA ARG A 81 -7.13 -16.19 5.34
C ARG A 81 -8.38 -15.33 5.56
N TYR A 82 -8.23 -14.16 6.21
CA TYR A 82 -9.35 -13.20 6.28
C TYR A 82 -9.14 -12.03 5.32
N THR A 83 -8.12 -12.12 4.49
CA THR A 83 -7.77 -11.01 3.57
C THR A 83 -7.88 -11.46 2.11
N VAL A 84 -8.60 -10.66 1.34
CA VAL A 84 -8.76 -10.97 -0.07
C VAL A 84 -8.28 -9.81 -0.98
N GLU A 85 -7.93 -10.15 -2.22
CA GLU A 85 -7.56 -9.16 -3.25
C GLU A 85 -8.58 -9.26 -4.40
N HIS A 86 -9.23 -8.15 -4.71
CA HIS A 86 -10.25 -8.14 -5.79
C HIS A 86 -9.66 -7.79 -7.15
N SER A 87 -10.41 -8.11 -8.19
CA SER A 87 -10.16 -7.55 -9.50
C SER A 87 -11.54 -7.19 -10.09
N VAL A 88 -11.60 -6.04 -10.73
CA VAL A 88 -12.84 -5.57 -11.35
C VAL A 88 -12.41 -5.11 -12.75
N TYR A 89 -13.01 -5.67 -13.79
CA TYR A 89 -12.67 -5.25 -15.17
C TYR A 89 -13.92 -4.90 -15.97
N VAL A 90 -13.86 -3.78 -16.68
CA VAL A 90 -15.01 -3.33 -17.42
C VAL A 90 -14.77 -3.53 -18.90
N HIS A 91 -15.81 -3.92 -19.62
CA HIS A 91 -15.68 -4.08 -21.07
C HIS A 91 -15.35 -2.70 -21.69
N PRO A 92 -14.34 -2.63 -22.57
CA PRO A 92 -13.89 -1.31 -23.10
C PRO A 92 -14.97 -0.52 -23.88
N ALA A 93 -16.00 -1.21 -24.37
CA ALA A 93 -17.12 -0.57 -25.05
C ALA A 93 -18.13 -0.01 -24.07
N HIS A 94 -17.91 -0.27 -22.77
CA HIS A 94 -18.89 0.06 -21.73
C HIS A 94 -18.33 0.95 -20.62
N GLN A 95 -17.33 1.74 -21.00
CA GLN A 95 -16.74 2.71 -20.08
C GLN A 95 -17.65 3.91 -19.90
N GLY A 96 -17.42 4.66 -18.83
CA GLY A 96 -18.15 5.90 -18.59
C GLY A 96 -19.51 5.77 -17.95
N LYS A 97 -19.87 4.53 -17.60
CA LYS A 97 -21.18 4.18 -17.07
C LYS A 97 -21.14 3.85 -15.57
N GLY A 98 -20.01 4.11 -14.92
CA GLY A 98 -19.88 3.88 -13.48
C GLY A 98 -19.84 2.41 -13.11
N LEU A 99 -19.55 1.53 -14.08
CA LEU A 99 -19.59 0.08 -13.79
C LEU A 99 -18.51 -0.41 -12.84
N GLY A 100 -17.30 0.14 -12.97
CA GLY A 100 -16.20 -0.22 -12.02
C GLY A 100 -16.62 0.03 -10.59
N ARG A 101 -17.19 1.19 -10.34
CA ARG A 101 -17.62 1.54 -8.98
C ARG A 101 -18.77 0.67 -8.48
N LYS A 102 -19.76 0.48 -9.35
CA LYS A 102 -20.92 -0.34 -9.03
C LYS A 102 -20.53 -1.79 -8.73
N LEU A 103 -19.65 -2.35 -9.55
CA LEU A 103 -19.16 -3.72 -9.36
C LEU A 103 -18.37 -3.82 -8.07
N LEU A 104 -17.48 -2.86 -7.84
CA LEU A 104 -16.67 -2.91 -6.59
C LEU A 104 -17.59 -2.77 -5.36
N SER A 105 -18.57 -1.87 -5.43
N SER A 105 -18.57 -1.87 -5.43
CA SER A 105 -19.49 -1.68 -4.29
CA SER A 105 -19.50 -1.67 -4.30
C SER A 105 -20.18 -3.01 -3.98
C SER A 105 -20.26 -2.96 -3.97
N ARG A 106 -20.69 -3.68 -5.00
CA ARG A 106 -21.38 -4.98 -4.78
C ARG A 106 -20.39 -6.06 -4.26
N LEU A 107 -19.15 -6.03 -4.77
CA LEU A 107 -18.13 -6.97 -4.34
C LEU A 107 -17.79 -6.83 -2.84
N ILE A 108 -17.80 -5.60 -2.34
CA ILE A 108 -17.49 -5.34 -0.94
C ILE A 108 -18.59 -6.01 -0.07
N ASP A 109 -19.84 -5.85 -0.47
CA ASP A 109 -20.93 -6.55 0.19
C ASP A 109 -20.71 -8.08 0.25
N GLU A 110 -20.34 -8.67 -0.87
CA GLU A 110 -20.07 -10.11 -0.92
C GLU A 110 -18.86 -10.53 -0.06
N ALA A 111 -17.82 -9.69 -0.02
CA ALA A 111 -16.64 -9.96 0.82
C ALA A 111 -17.03 -10.03 2.31
N ARG A 112 -17.91 -9.14 2.75
CA ARG A 112 -18.45 -9.21 4.11
C ARG A 112 -19.24 -10.50 4.31
N ARG A 113 -20.03 -10.86 3.30
CA ARG A 113 -20.83 -12.08 3.39
C ARG A 113 -19.93 -13.32 3.47
N CYS A 114 -18.75 -13.25 2.84
CA CYS A 114 -17.72 -14.31 2.93
C CYS A 114 -16.88 -14.27 4.24
N GLY A 115 -17.21 -13.34 5.14
CA GLY A 115 -16.56 -13.30 6.47
C GLY A 115 -15.14 -12.72 6.45
N LYS A 116 -14.81 -12.02 5.37
CA LYS A 116 -13.49 -11.41 5.24
C LYS A 116 -13.35 -10.12 6.04
N HIS A 117 -12.14 -9.90 6.55
CA HIS A 117 -11.83 -8.74 7.37
C HIS A 117 -11.21 -7.56 6.59
N VAL A 118 -10.47 -7.86 5.53
CA VAL A 118 -9.79 -6.83 4.73
C VAL A 118 -9.83 -7.18 3.24
N VAL A 120 -7.90 -5.94 -0.32
CA VAL A 120 -6.73 -5.26 -0.85
C VAL A 120 -6.82 -5.05 -2.34
N ALA A 121 -6.44 -3.85 -2.77
CA ALA A 121 -6.33 -3.50 -4.18
C ALA A 121 -4.85 -3.26 -4.50
N GLY A 122 -4.37 -3.88 -5.55
CA GLY A 122 -2.99 -3.65 -6.00
C GLY A 122 -3.09 -2.76 -7.24
N ILE A 123 -2.52 -1.56 -7.17
CA ILE A 123 -2.77 -0.52 -8.17
C ILE A 123 -1.42 0.08 -8.62
N GLU A 124 -1.21 0.27 -9.92
N GLU A 124 -1.21 0.24 -9.92
CA GLU A 124 0.02 0.95 -10.35
CA GLU A 124 -0.02 0.97 -10.33
C GLU A 124 0.02 2.38 -9.81
C GLU A 124 -0.05 2.32 -9.61
N SER A 125 1.10 2.77 -9.12
CA SER A 125 1.12 3.97 -8.26
C SER A 125 0.64 5.25 -8.92
N GLN A 126 0.86 5.36 -10.22
CA GLN A 126 0.53 6.56 -10.96
C GLN A 126 -0.95 6.58 -11.43
N ASN A 127 -1.71 5.54 -11.06
CA ASN A 127 -3.09 5.41 -11.59
C ASN A 127 -4.06 6.21 -10.68
N ALA A 128 -4.05 7.53 -10.88
CA ALA A 128 -4.86 8.42 -10.06
C ALA A 128 -6.37 8.13 -10.16
N ALA A 129 -6.84 7.72 -11.34
CA ALA A 129 -8.26 7.37 -11.49
C ALA A 129 -8.64 6.21 -10.60
N SER A 130 -7.79 5.16 -10.57
CA SER A 130 -8.06 4.00 -9.71
C SER A 130 -7.94 4.37 -8.23
N ILE A 131 -6.95 5.19 -7.89
CA ILE A 131 -6.83 5.67 -6.51
C ILE A 131 -8.12 6.40 -6.04
N ARG A 132 -8.59 7.32 -6.87
CA ARG A 132 -9.85 8.02 -6.57
C ARG A 132 -11.01 7.05 -6.40
N LEU A 133 -11.15 6.13 -7.35
CA LEU A 133 -12.25 5.17 -7.30
C LEU A 133 -12.25 4.39 -5.96
N HIS A 134 -11.09 3.82 -5.60
CA HIS A 134 -10.97 3.08 -4.37
C HIS A 134 -11.13 3.95 -3.14
N HIS A 135 -10.55 5.14 -3.18
CA HIS A 135 -10.61 6.05 -2.05
C HIS A 135 -12.07 6.41 -1.76
N SER A 136 -12.86 6.56 -2.82
CA SER A 136 -14.27 6.89 -2.67
C SER A 136 -15.11 5.80 -2.01
N LEU A 137 -14.61 4.57 -2.01
CA LEU A 137 -15.30 3.45 -1.39
C LEU A 137 -14.63 3.07 -0.04
N GLY A 138 -13.81 3.96 0.50
CA GLY A 138 -13.25 3.77 1.83
C GLY A 138 -11.88 3.16 1.93
N PHE A 139 -11.29 2.82 0.78
CA PHE A 139 -9.88 2.28 0.74
C PHE A 139 -8.85 3.36 1.10
N THR A 140 -7.79 2.92 1.79
CA THR A 140 -6.66 3.78 2.16
C THR A 140 -5.35 3.21 1.62
N VAL A 141 -4.45 4.06 1.13
CA VAL A 141 -3.13 3.59 0.78
C VAL A 141 -2.33 3.11 2.02
N THR A 142 -1.86 1.86 1.94
CA THR A 142 -1.00 1.28 2.98
C THR A 142 0.31 0.69 2.47
N ALA A 143 0.56 0.73 1.16
CA ALA A 143 1.88 0.29 0.64
C ALA A 143 2.20 1.15 -0.59
N GLN A 144 3.48 1.50 -0.74
CA GLN A 144 3.97 2.16 -1.95
C GLN A 144 5.36 1.57 -2.18
N PRO A 146 8.38 0.71 -4.68
CA PRO A 146 8.98 1.12 -5.96
C PRO A 146 9.60 -0.04 -6.76
N GLN A 147 9.32 -0.06 -8.05
CA GLN A 147 10.01 -0.94 -9.00
C GLN A 147 9.89 -2.44 -8.73
N VAL A 148 8.77 -2.84 -8.13
CA VAL A 148 8.50 -4.26 -7.84
C VAL A 148 7.88 -5.00 -9.04
N GLY A 149 7.31 -4.24 -9.97
CA GLY A 149 6.74 -4.82 -11.18
C GLY A 149 7.40 -4.40 -12.47
N VAL A 150 6.98 -5.06 -13.57
CA VAL A 150 7.45 -4.72 -14.90
C VAL A 150 6.28 -4.92 -15.86
N LYS A 151 6.16 -4.03 -16.83
CA LYS A 151 5.24 -4.21 -17.97
C LYS A 151 5.63 -3.20 -19.00
N PHE A 152 5.38 -3.53 -20.26
CA PHE A 152 5.75 -2.64 -21.38
C PHE A 152 7.25 -2.32 -21.44
N GLY A 153 8.08 -3.17 -20.84
CA GLY A 153 9.54 -2.95 -20.83
C GLY A 153 10.09 -1.97 -19.78
N ARG A 154 9.24 -1.50 -18.85
CA ARG A 154 9.70 -0.58 -17.78
C ARG A 154 9.33 -1.04 -16.38
N TRP A 155 10.07 -0.54 -15.39
CA TRP A 155 9.75 -0.82 -13.96
C TRP A 155 8.44 -0.11 -13.61
N LEU A 156 7.63 -0.77 -12.82
CA LEU A 156 6.35 -0.22 -12.33
C LEU A 156 6.39 -0.19 -10.81
N ASP A 157 5.73 0.82 -10.25
CA ASP A 157 5.61 0.94 -8.79
C ASP A 157 4.23 0.43 -8.42
N LEU A 158 4.19 -0.30 -7.31
N LEU A 158 4.16 -0.30 -7.31
CA LEU A 158 2.94 -0.85 -6.79
CA LEU A 158 2.90 -0.89 -6.84
C LEU A 158 2.45 -0.03 -5.61
C LEU A 158 2.40 -0.23 -5.56
N THR A 159 1.16 0.22 -5.60
CA THR A 159 0.47 0.76 -4.42
C THR A 159 -0.55 -0.28 -3.94
N PHE A 160 -0.55 -0.58 -2.63
CA PHE A 160 -1.71 -1.33 -2.11
C PHE A 160 -2.63 -0.37 -1.37
N GLN A 162 -6.23 -0.59 1.06
CA GLN A 162 -7.01 -1.62 1.73
C GLN A 162 -8.25 -1.03 2.39
N LEU A 163 -9.25 -1.90 2.57
CA LEU A 163 -10.51 -1.54 3.23
C LEU A 163 -10.76 -2.59 4.29
N GLN A 164 -10.89 -2.15 5.55
CA GLN A 164 -11.27 -3.04 6.65
C GLN A 164 -12.80 -3.14 6.65
N LEU A 165 -13.30 -4.37 6.76
CA LEU A 165 -14.71 -4.71 6.47
C LEU A 165 -15.58 -4.86 7.73
N ASP A 166 -14.90 -4.90 8.87
CA ASP A 166 -15.59 -4.95 10.16
C ASP A 166 -14.65 -4.46 11.24
N GLU A 167 -15.19 -4.35 12.45
CA GLU A 167 -14.46 -3.88 13.61
C GLU A 167 -14.35 -4.96 14.67
N HIS A 168 -14.45 -6.23 14.26
CA HIS A 168 -14.34 -7.31 15.26
C HIS A 168 -13.01 -7.25 16.01
N ALA A 169 -13.07 -7.47 17.33
CA ALA A 169 -11.87 -7.44 18.17
C ALA A 169 -10.82 -8.51 17.77
N ALA A 170 -11.30 -9.61 17.20
CA ALA A 170 -10.45 -10.76 16.91
C ALA A 170 -11.16 -11.56 15.80
N PRO A 171 -10.41 -12.41 15.08
CA PRO A 171 -11.04 -13.30 14.09
C PRO A 171 -12.11 -14.16 14.73
N ASP A 172 -13.18 -14.39 13.98
CA ASP A 172 -14.33 -15.08 14.55
C ASP A 172 -14.69 -16.40 13.86
N ALA A 173 -13.78 -16.93 13.04
CA ALA A 173 -14.10 -18.08 12.20
C ALA A 173 -12.90 -19.00 11.94
N CYS A 174 -12.10 -19.18 12.98
CA CYS A 174 -10.97 -20.12 12.99
C CYS A 174 -9.84 -19.62 12.08
N ALA B 3 32.92 -22.76 14.92
CA ALA B 3 33.02 -22.77 13.44
C ALA B 3 31.67 -23.05 12.79
N THR B 5 29.41 -22.75 8.79
CA THR B 5 29.50 -22.54 7.36
C THR B 5 28.08 -22.31 6.84
N ILE B 6 27.98 -21.66 5.68
CA ILE B 6 26.74 -21.60 4.95
C ILE B 6 26.96 -22.27 3.61
N ARG B 7 26.08 -23.20 3.27
CA ARG B 7 26.22 -23.90 2.00
C ARG B 7 24.86 -24.09 1.35
N PHE B 8 24.86 -24.49 0.09
CA PHE B 8 23.62 -24.90 -0.56
C PHE B 8 23.11 -26.19 0.07
N ALA B 9 21.81 -26.22 0.32
CA ALA B 9 21.16 -27.39 0.90
C ALA B 9 21.07 -28.50 -0.13
N ASP B 10 20.95 -29.73 0.34
CA ASP B 10 20.54 -30.81 -0.56
C ASP B 10 19.37 -31.58 0.07
N LYS B 11 18.90 -32.62 -0.61
CA LYS B 11 17.76 -33.41 -0.14
C LYS B 11 17.94 -33.92 1.29
N ALA B 12 19.16 -34.31 1.65
CA ALA B 12 19.40 -34.94 2.95
C ALA B 12 19.17 -33.95 4.10
N ASP B 13 19.14 -32.65 3.78
CA ASP B 13 18.94 -31.61 4.79
C ASP B 13 17.46 -31.35 5.11
N CYS B 14 16.54 -31.95 4.34
CA CYS B 14 15.12 -31.55 4.45
C CYS B 14 14.42 -31.97 5.73
N ALA B 15 14.85 -33.07 6.35
CA ALA B 15 14.32 -33.44 7.67
C ALA B 15 14.61 -32.34 8.70
N ALA B 16 15.86 -31.85 8.71
CA ALA B 16 16.27 -30.77 9.60
C ALA B 16 15.51 -29.47 9.28
N ILE B 17 15.42 -29.12 8.00
CA ILE B 17 14.63 -27.95 7.57
C ILE B 17 13.20 -28.06 8.10
N THR B 18 12.63 -29.27 8.02
CA THR B 18 11.27 -29.53 8.53
C THR B 18 11.16 -29.24 10.03
N GLU B 19 12.15 -29.67 10.81
CA GLU B 19 12.15 -29.39 12.25
C GLU B 19 12.15 -27.89 12.51
N ILE B 20 12.99 -27.18 11.76
CA ILE B 20 13.21 -25.72 11.95
C ILE B 20 11.91 -24.99 11.56
N TYR B 21 11.37 -25.33 10.39
CA TYR B 21 10.10 -24.77 9.92
C TYR B 21 8.96 -25.00 10.92
N ASN B 22 8.79 -26.25 11.35
CA ASN B 22 7.72 -26.58 12.28
C ASN B 22 7.82 -25.84 13.60
N HIS B 23 9.04 -25.68 14.10
CA HIS B 23 9.23 -24.87 15.30
C HIS B 23 8.67 -23.45 15.13
N ALA B 24 9.07 -22.78 14.05
CA ALA B 24 8.59 -21.44 13.72
C ALA B 24 7.06 -21.41 13.59
N VAL B 25 6.52 -22.41 12.88
CA VAL B 25 5.08 -22.51 12.67
C VAL B 25 4.36 -22.58 14.02
N LEU B 26 4.84 -23.41 14.93
CA LEU B 26 4.18 -23.58 16.23
C LEU B 26 4.37 -22.40 17.20
N HIS B 27 5.52 -21.76 17.15
CA HIS B 27 5.91 -20.93 18.29
C HIS B 27 6.13 -19.44 18.05
N THR B 28 5.94 -18.99 16.81
N THR B 28 6.02 -18.99 16.79
CA THR B 28 6.27 -17.59 16.46
CA THR B 28 6.25 -17.58 16.45
C THR B 28 5.25 -16.95 15.50
C THR B 28 5.10 -16.99 15.64
N ALA B 29 4.98 -15.66 15.69
CA ALA B 29 4.03 -14.93 14.80
C ALA B 29 4.81 -14.45 13.57
N ALA B 30 6.09 -14.81 13.52
CA ALA B 30 7.00 -14.29 12.47
C ALA B 30 6.72 -14.93 11.12
N ILE B 31 6.26 -16.17 11.17
CA ILE B 31 5.97 -16.99 9.99
C ILE B 31 4.46 -17.04 9.87
N TRP B 32 3.97 -16.86 8.65
CA TRP B 32 2.54 -16.63 8.38
C TRP B 32 1.76 -17.94 8.07
N ASN B 33 2.26 -19.05 8.60
CA ASN B 33 1.60 -20.35 8.47
C ASN B 33 1.46 -20.98 9.85
N ASP B 34 0.42 -21.79 10.02
CA ASP B 34 0.21 -22.38 11.33
C ASP B 34 -0.04 -23.89 11.31
N ARG B 35 0.32 -24.53 10.20
CA ARG B 35 0.25 -25.99 10.12
C ARG B 35 1.64 -26.61 10.02
N THR B 36 1.94 -27.52 10.94
CA THR B 36 3.19 -28.28 10.86
C THR B 36 3.13 -29.21 9.65
N VAL B 37 4.29 -29.53 9.08
CA VAL B 37 4.39 -30.37 7.88
C VAL B 37 5.37 -31.53 8.07
N ASP B 38 5.33 -32.49 7.16
CA ASP B 38 6.24 -33.64 7.23
C ASP B 38 7.43 -33.39 6.29
N THR B 39 8.45 -34.24 6.40
CA THR B 39 9.68 -34.10 5.60
C THR B 39 9.40 -34.10 4.10
N ASP B 40 8.50 -34.98 3.65
CA ASP B 40 8.15 -35.04 2.23
C ASP B 40 7.67 -33.69 1.69
N ASN B 41 6.94 -32.95 2.52
CA ASN B 41 6.45 -31.63 2.17
C ASN B 41 7.59 -30.62 1.91
N ARG B 42 8.57 -30.60 2.81
CA ARG B 42 9.77 -29.75 2.65
C ARG B 42 10.67 -30.25 1.53
N LEU B 43 10.76 -31.57 1.34
CA LEU B 43 11.41 -32.12 0.15
C LEU B 43 10.81 -31.53 -1.14
N ALA B 44 9.48 -31.59 -1.24
CA ALA B 44 8.77 -31.04 -2.40
C ALA B 44 9.00 -29.54 -2.55
N TRP B 45 8.91 -28.82 -1.43
CA TRP B 45 9.22 -27.38 -1.36
C TRP B 45 10.64 -27.08 -1.88
N TYR B 46 11.62 -27.87 -1.44
CA TYR B 46 13.01 -27.75 -1.89
C TYR B 46 13.14 -27.99 -3.41
N GLU B 47 12.49 -29.04 -3.90
CA GLU B 47 12.55 -29.40 -5.32
C GLU B 47 11.88 -28.35 -6.22
N ALA B 48 10.81 -27.74 -5.72
CA ALA B 48 10.16 -26.64 -6.45
C ALA B 48 11.09 -25.44 -6.56
N ARG B 49 11.85 -25.16 -5.50
CA ARG B 49 12.83 -24.08 -5.54
C ARG B 49 13.99 -24.39 -6.50
N GLN B 50 14.49 -25.62 -6.44
CA GLN B 50 15.58 -26.05 -7.32
C GLN B 50 15.18 -25.93 -8.79
N LEU B 51 13.92 -26.22 -9.08
CA LEU B 51 13.41 -26.18 -10.47
C LEU B 51 13.46 -24.76 -11.03
N LEU B 52 13.24 -23.79 -10.15
CA LEU B 52 13.29 -22.35 -10.47
C LEU B 52 14.68 -21.77 -10.50
N GLY B 53 15.68 -22.57 -10.14
CA GLY B 53 17.04 -22.06 -9.95
C GLY B 53 17.18 -21.13 -8.76
N TYR B 54 16.26 -21.23 -7.80
CA TYR B 54 16.33 -20.37 -6.62
C TYR B 54 17.08 -21.10 -5.50
N PRO B 55 17.81 -20.34 -4.66
CA PRO B 55 18.68 -20.96 -3.66
C PRO B 55 17.91 -21.49 -2.43
N VAL B 56 18.32 -22.64 -1.94
CA VAL B 56 18.01 -23.04 -0.55
C VAL B 56 19.38 -23.22 0.12
N LEU B 57 19.62 -22.42 1.16
CA LEU B 57 20.89 -22.46 1.88
C LEU B 57 20.65 -22.99 3.28
N VAL B 58 21.66 -23.64 3.85
CA VAL B 58 21.61 -23.98 5.28
C VAL B 58 22.88 -23.47 5.96
N SER B 59 22.77 -23.09 7.23
CA SER B 59 23.94 -22.91 8.08
C SER B 59 24.23 -24.27 8.73
N GLU B 60 25.50 -24.53 8.98
CA GLU B 60 25.92 -25.82 9.51
C GLU B 60 26.96 -25.56 10.59
N GLU B 61 26.90 -26.34 11.66
CA GLU B 61 27.89 -26.26 12.73
C GLU B 61 28.09 -27.68 13.26
N ASN B 62 29.31 -28.20 13.16
CA ASN B 62 29.62 -29.55 13.64
C ASN B 62 28.68 -30.61 13.02
N GLY B 63 28.34 -30.43 11.75
CA GLY B 63 27.46 -31.35 11.03
C GLY B 63 25.98 -31.16 11.24
N VAL B 64 25.61 -30.22 12.12
CA VAL B 64 24.20 -29.99 12.44
C VAL B 64 23.68 -28.85 11.57
N VAL B 65 22.53 -29.04 10.92
CA VAL B 65 21.87 -27.93 10.23
C VAL B 65 21.24 -27.00 11.28
N THR B 66 21.69 -25.75 11.33
CA THR B 66 21.30 -24.81 12.41
C THR B 66 20.35 -23.71 11.93
N GLY B 67 20.10 -23.68 10.63
CA GLY B 67 19.26 -22.61 10.04
C GLY B 67 19.13 -22.85 8.55
N TYR B 68 18.14 -22.21 7.94
CA TYR B 68 18.01 -22.21 6.49
C TYR B 68 17.52 -20.86 5.98
N ALA B 69 17.76 -20.64 4.69
CA ALA B 69 17.34 -19.43 4.00
C ALA B 69 17.02 -19.77 2.55
N SER B 70 15.94 -19.20 2.05
CA SER B 70 15.58 -19.39 0.66
C SER B 70 14.79 -18.16 0.21
N PHE B 71 14.60 -18.04 -1.08
CA PHE B 71 13.59 -17.11 -1.57
C PHE B 71 12.81 -17.74 -2.70
N GLY B 72 11.60 -17.24 -2.88
CA GLY B 72 10.78 -17.59 -4.05
C GLY B 72 10.15 -16.34 -4.64
N ASP B 73 9.25 -16.54 -5.60
CA ASP B 73 8.59 -15.43 -6.23
C ASP B 73 7.74 -14.75 -5.17
N TRP B 74 7.76 -13.43 -5.17
CA TRP B 74 6.96 -12.68 -4.21
C TRP B 74 5.46 -12.90 -4.45
N ARG B 75 5.00 -12.75 -5.69
CA ARG B 75 3.56 -12.80 -6.02
C ARG B 75 3.32 -13.64 -7.27
N SER B 76 2.09 -14.13 -7.44
CA SER B 76 1.76 -15.06 -8.50
C SER B 76 1.18 -14.30 -9.68
N PHE B 77 1.91 -13.30 -10.14
CA PHE B 77 1.60 -12.59 -11.38
C PHE B 77 2.95 -12.39 -12.09
N ASP B 78 2.98 -12.58 -13.40
CA ASP B 78 4.22 -12.47 -14.20
C ASP B 78 4.92 -11.12 -14.08
N GLY B 79 4.13 -10.09 -13.81
CA GLY B 79 4.68 -8.74 -13.72
C GLY B 79 5.64 -8.60 -12.56
N PHE B 80 5.65 -9.55 -11.63
CA PHE B 80 6.52 -9.45 -10.43
C PHE B 80 7.77 -10.31 -10.53
N ARG B 81 8.10 -10.73 -11.76
CA ARG B 81 9.13 -11.73 -12.02
C ARG B 81 10.58 -11.30 -11.66
N TYR B 82 10.81 -10.02 -11.37
CA TYR B 82 12.13 -9.58 -10.84
C TYR B 82 12.12 -9.35 -9.33
N THR B 83 11.01 -9.69 -8.67
CA THR B 83 10.86 -9.45 -7.22
C THR B 83 10.65 -10.78 -6.50
N VAL B 84 11.42 -10.98 -5.42
CA VAL B 84 11.39 -12.24 -4.66
C VAL B 84 11.14 -11.92 -3.18
N GLU B 85 10.64 -12.91 -2.42
CA GLU B 85 10.47 -12.75 -0.98
C GLU B 85 11.20 -13.90 -0.31
N HIS B 86 11.91 -13.60 0.79
CA HIS B 86 12.72 -14.60 1.46
C HIS B 86 12.01 -15.35 2.60
N SER B 87 12.60 -16.47 3.00
N SER B 87 12.65 -16.45 3.03
CA SER B 87 12.23 -17.17 4.21
CA SER B 87 12.22 -17.26 4.18
C SER B 87 13.57 -17.45 4.84
C SER B 87 13.48 -17.65 4.94
N VAL B 88 13.76 -16.98 6.08
CA VAL B 88 14.98 -17.26 6.84
C VAL B 88 14.62 -17.65 8.27
N TYR B 89 15.03 -18.85 8.67
CA TYR B 89 14.63 -19.42 9.97
C TYR B 89 15.81 -20.11 10.64
N VAL B 90 15.87 -19.97 11.97
CA VAL B 90 16.97 -20.48 12.75
C VAL B 90 16.46 -21.60 13.69
N HIS B 91 17.22 -22.70 13.80
CA HIS B 91 16.90 -23.79 14.71
C HIS B 91 16.79 -23.26 16.13
N PRO B 92 15.75 -23.67 16.87
CA PRO B 92 15.49 -23.14 18.21
C PRO B 92 16.66 -23.29 19.20
N ALA B 93 17.53 -24.28 18.97
CA ALA B 93 18.69 -24.53 19.85
C ALA B 93 19.91 -23.69 19.45
N HIS B 94 19.75 -22.87 18.40
CA HIS B 94 20.87 -22.14 17.83
C HIS B 94 20.61 -20.64 17.72
N GLN B 95 19.74 -20.14 18.60
CA GLN B 95 19.37 -18.74 18.58
C GLN B 95 20.46 -17.88 19.25
N GLY B 96 20.43 -16.57 18.98
CA GLY B 96 21.36 -15.60 19.55
C GLY B 96 22.80 -15.71 19.07
N LYS B 97 22.99 -16.37 17.92
CA LYS B 97 24.33 -16.61 17.37
C LYS B 97 24.60 -15.79 16.09
N GLY B 98 23.72 -14.84 15.80
CA GLY B 98 23.81 -14.05 14.57
C GLY B 98 23.58 -14.80 13.27
N LEU B 99 22.93 -15.97 13.33
CA LEU B 99 22.71 -16.79 12.13
C LEU B 99 21.76 -16.16 11.14
N GLY B 100 20.66 -15.58 11.64
CA GLY B 100 19.71 -14.87 10.80
C GLY B 100 20.40 -13.86 9.89
N ARG B 101 21.28 -13.05 10.47
N ARG B 101 21.29 -13.06 10.47
CA ARG B 101 21.99 -12.04 9.69
CA ARG B 101 22.02 -12.03 9.72
C ARG B 101 22.87 -12.69 8.63
C ARG B 101 22.96 -12.61 8.68
N LYS B 102 23.68 -13.66 9.04
CA LYS B 102 24.64 -14.31 8.10
C LYS B 102 23.90 -14.93 6.91
N LEU B 103 22.83 -15.67 7.22
CA LEU B 103 21.99 -16.28 6.20
C LEU B 103 21.36 -15.24 5.28
N LEU B 104 20.77 -14.19 5.85
CA LEU B 104 20.13 -13.17 5.01
C LEU B 104 21.15 -12.48 4.10
N SER B 105 22.32 -12.15 4.67
N SER B 105 22.32 -12.14 4.66
CA SER B 105 23.39 -11.53 3.90
CA SER B 105 23.39 -11.52 3.86
C SER B 105 23.76 -12.37 2.67
C SER B 105 23.78 -12.37 2.66
N ARG B 106 23.96 -13.67 2.89
CA ARG B 106 24.32 -14.60 1.81
C ARG B 106 23.17 -14.71 0.78
N LEU B 107 21.94 -14.70 1.27
CA LEU B 107 20.78 -14.82 0.40
C LEU B 107 20.65 -13.59 -0.53
N ILE B 108 20.98 -12.43 0.00
CA ILE B 108 21.00 -11.19 -0.78
C ILE B 108 21.98 -11.31 -1.96
N ASP B 109 23.19 -11.81 -1.67
CA ASP B 109 24.19 -12.09 -2.74
C ASP B 109 23.60 -13.01 -3.82
N GLU B 110 22.93 -14.07 -3.37
CA GLU B 110 22.33 -15.05 -4.28
C GLU B 110 21.22 -14.43 -5.13
N ALA B 111 20.46 -13.50 -4.55
CA ALA B 111 19.38 -12.80 -5.28
C ALA B 111 19.98 -11.94 -6.40
N ARG B 112 21.11 -11.28 -6.11
CA ARG B 112 21.86 -10.55 -7.14
C ARG B 112 22.37 -11.48 -8.22
N ARG B 113 22.96 -12.61 -7.82
CA ARG B 113 23.41 -13.60 -8.81
C ARG B 113 22.28 -14.10 -9.69
N CYS B 114 21.08 -14.20 -9.11
CA CYS B 114 19.90 -14.63 -9.85
C CYS B 114 19.31 -13.53 -10.75
N GLY B 115 19.92 -12.35 -10.76
CA GLY B 115 19.42 -11.22 -11.58
C GLY B 115 18.16 -10.52 -11.06
N LYS B 116 17.75 -10.80 -9.81
CA LYS B 116 16.56 -10.14 -9.26
C LYS B 116 16.76 -8.65 -8.95
N HIS B 117 15.67 -7.89 -9.10
CA HIS B 117 15.73 -6.43 -8.92
C HIS B 117 15.38 -6.01 -7.51
N VAL B 118 14.46 -6.73 -6.86
CA VAL B 118 14.02 -6.34 -5.52
C VAL B 118 13.80 -7.57 -4.64
N VAL B 120 11.83 -8.56 -1.16
CA VAL B 120 10.78 -8.11 -0.26
C VAL B 120 10.74 -9.00 0.98
N ALA B 121 10.46 -8.40 2.14
CA ALA B 121 10.11 -9.19 3.34
C ALA B 121 8.80 -8.70 3.90
N GLY B 122 7.84 -9.60 4.10
CA GLY B 122 6.57 -9.29 4.74
C GLY B 122 6.73 -9.70 6.20
N ILE B 123 6.89 -8.70 7.07
CA ILE B 123 7.31 -8.94 8.46
C ILE B 123 6.14 -8.66 9.41
N GLU B 124 5.87 -9.56 10.37
CA GLU B 124 4.83 -9.29 11.33
C GLU B 124 5.24 -8.05 12.12
N SER B 125 4.35 -7.08 12.24
CA SER B 125 4.81 -5.72 12.62
C SER B 125 5.45 -5.60 14.01
N GLN B 126 5.08 -6.51 14.93
CA GLN B 126 5.65 -6.52 16.28
C GLN B 126 7.02 -7.19 16.41
N ASN B 127 7.50 -7.79 15.32
CA ASN B 127 8.78 -8.50 15.24
C ASN B 127 9.88 -7.45 15.10
N ALA B 128 10.11 -6.73 16.19
CA ALA B 128 11.16 -5.70 16.24
C ALA B 128 12.54 -6.26 15.86
N ALA B 129 12.80 -7.53 16.20
CA ALA B 129 14.09 -8.19 15.83
C ALA B 129 14.29 -8.21 14.31
N SER B 130 13.26 -8.66 13.59
CA SER B 130 13.36 -8.79 12.14
C SER B 130 13.42 -7.39 11.50
N ILE B 131 12.60 -6.47 12.00
CA ILE B 131 12.64 -5.09 11.53
C ILE B 131 14.04 -4.47 11.66
N ARG B 132 14.66 -4.64 12.83
CA ARG B 132 15.98 -4.11 13.04
C ARG B 132 16.97 -4.75 12.07
N LEU B 133 16.92 -6.08 11.99
CA LEU B 133 17.81 -6.83 11.11
C LEU B 133 17.73 -6.30 9.68
N HIS B 134 16.53 -6.12 9.17
CA HIS B 134 16.35 -5.62 7.82
C HIS B 134 16.86 -4.18 7.64
N HIS B 135 16.56 -3.31 8.60
CA HIS B 135 17.08 -1.92 8.55
C HIS B 135 18.62 -1.97 8.47
N SER B 136 19.23 -2.86 9.26
CA SER B 136 20.70 -2.94 9.33
C SER B 136 21.33 -3.40 8.01
N LEU B 137 20.55 -4.11 7.21
CA LEU B 137 21.02 -4.60 5.93
C LEU B 137 20.53 -3.76 4.72
N GLY B 138 19.98 -2.58 5.01
CA GLY B 138 19.71 -1.59 3.97
C GLY B 138 18.31 -1.63 3.38
N PHE B 139 17.42 -2.42 3.99
CA PHE B 139 16.02 -2.44 3.58
C PHE B 139 15.26 -1.20 4.09
N THR B 140 14.18 -0.86 3.37
N THR B 140 14.21 -0.79 3.38
CA THR B 140 13.35 0.32 3.61
CA THR B 140 13.41 0.31 3.88
C THR B 140 11.88 -0.10 3.85
C THR B 140 11.98 -0.19 4.00
N VAL B 141 11.21 0.46 4.86
CA VAL B 141 9.78 0.14 5.05
C VAL B 141 8.96 0.75 3.92
N THR B 142 8.20 -0.09 3.22
CA THR B 142 7.36 0.34 2.09
C THR B 142 5.88 0.00 2.22
N ALA B 143 5.53 -0.68 3.31
CA ALA B 143 4.12 -0.92 3.62
C ALA B 143 3.90 -1.10 5.11
N GLN B 144 2.73 -0.67 5.57
CA GLN B 144 2.29 -0.90 6.95
C GLN B 144 0.79 -1.16 6.88
N PRO B 146 -2.57 -2.79 8.47
CA PRO B 146 -3.23 -3.28 9.68
C PRO B 146 -4.18 -4.45 9.47
N GLN B 147 -4.04 -5.41 10.37
CA GLN B 147 -5.01 -6.51 10.56
C GLN B 147 -5.23 -7.37 9.30
N VAL B 148 -4.18 -7.49 8.50
CA VAL B 148 -4.22 -8.33 7.26
C VAL B 148 -3.92 -9.80 7.57
N GLY B 149 -3.37 -10.06 8.76
CA GLY B 149 -3.05 -11.45 9.13
C GLY B 149 -3.72 -11.87 10.41
N VAL B 150 -3.66 -13.16 10.67
CA VAL B 150 -4.10 -13.74 11.96
C VAL B 150 -3.13 -14.81 12.42
N LYS B 151 -2.98 -14.93 13.74
CA LYS B 151 -2.37 -16.13 14.36
C LYS B 151 -2.71 -16.13 15.84
N PHE B 152 -2.78 -17.31 16.43
CA PHE B 152 -2.98 -17.39 17.88
C PHE B 152 -4.29 -16.69 18.30
N GLY B 153 -5.25 -16.64 17.37
CA GLY B 153 -6.57 -16.08 17.65
C GLY B 153 -6.62 -14.56 17.63
N ARG B 154 -5.54 -13.89 17.22
CA ARG B 154 -5.53 -12.41 17.17
C ARG B 154 -5.19 -11.87 15.78
N TRP B 155 -5.69 -10.66 15.50
CA TRP B 155 -5.25 -9.95 14.29
C TRP B 155 -3.77 -9.57 14.37
N LEU B 156 -3.15 -9.62 13.20
CA LEU B 156 -1.72 -9.27 13.04
C LEU B 156 -1.58 -8.22 11.95
N ASP B 157 -0.67 -7.29 12.18
CA ASP B 157 -0.34 -6.28 11.18
C ASP B 157 0.91 -6.72 10.42
N LEU B 158 0.99 -6.28 9.16
CA LEU B 158 2.13 -6.64 8.31
C LEU B 158 2.90 -5.38 7.90
N THR B 159 4.22 -5.49 8.00
CA THR B 159 5.14 -4.46 7.49
C THR B 159 5.90 -5.02 6.30
N PHE B 160 5.87 -4.36 5.13
CA PHE B 160 6.74 -4.80 4.03
C PHE B 160 7.98 -3.96 4.11
N GLN B 162 11.73 -3.62 1.79
CA GLN B 162 12.34 -4.03 0.56
C GLN B 162 13.77 -3.48 0.39
N LEU B 163 14.54 -4.21 -0.41
CA LEU B 163 15.88 -3.83 -0.82
C LEU B 163 15.96 -3.92 -2.33
N GLN B 164 16.23 -2.79 -2.98
CA GLN B 164 16.48 -2.83 -4.41
C GLN B 164 17.92 -3.31 -4.62
N LEU B 165 18.09 -4.31 -5.49
CA LEU B 165 19.33 -5.10 -5.58
C LEU B 165 20.31 -4.60 -6.65
N ASP B 166 19.83 -3.70 -7.50
CA ASP B 166 20.64 -3.06 -8.57
C ASP B 166 19.97 -1.75 -8.97
N GLU B 167 20.67 -0.99 -9.82
CA GLU B 167 20.18 0.31 -10.25
C GLU B 167 19.85 0.29 -11.74
N HIS B 168 19.52 -0.89 -12.26
CA HIS B 168 19.20 -1.00 -13.69
C HIS B 168 18.08 -0.04 -14.05
N ALA B 169 18.29 0.76 -15.09
CA ALA B 169 17.29 1.73 -15.57
C ALA B 169 16.00 1.04 -16.01
N ALA B 170 16.14 -0.14 -16.59
CA ALA B 170 14.99 -0.89 -17.07
C ALA B 170 15.31 -2.36 -16.94
N PRO B 171 14.27 -3.21 -16.89
CA PRO B 171 14.43 -4.64 -16.78
C PRO B 171 15.24 -5.21 -17.92
N THR C 5 13.23 16.25 10.74
CA THR C 5 12.41 15.20 10.13
C THR C 5 11.00 15.73 10.00
N ILE C 6 10.21 15.08 9.13
CA ILE C 6 8.78 15.34 9.00
C ILE C 6 8.09 14.01 9.21
N ARG C 7 7.04 14.00 10.02
CA ARG C 7 6.32 12.77 10.29
C ARG C 7 4.85 13.09 10.42
N PHE C 8 4.01 12.06 10.43
CA PHE C 8 2.61 12.24 10.79
C PHE C 8 2.49 12.68 12.24
N ALA C 9 1.56 13.60 12.49
CA ALA C 9 1.30 14.09 13.84
C ALA C 9 0.57 13.02 14.67
N ASP C 10 0.77 13.10 15.99
CA ASP C 10 0.05 12.30 17.01
C ASP C 10 -0.82 13.23 17.83
N LYS C 11 -1.74 12.65 18.61
CA LYS C 11 -2.47 13.38 19.66
C LYS C 11 -1.52 14.20 20.55
N ALA C 12 -0.35 13.66 20.86
CA ALA C 12 0.60 14.33 21.74
C ALA C 12 1.24 15.61 21.15
N ASP C 13 1.09 15.80 19.84
CA ASP C 13 1.61 16.98 19.12
C ASP C 13 0.65 18.15 19.10
N CYS C 14 -0.56 17.93 19.61
CA CYS C 14 -1.63 18.92 19.48
C CYS C 14 -1.43 20.17 20.35
N ALA C 15 -0.77 20.04 21.50
CA ALA C 15 -0.41 21.23 22.26
C ALA C 15 0.56 22.13 21.47
N ALA C 16 1.56 21.54 20.84
CA ALA C 16 2.52 22.32 20.03
C ALA C 16 1.85 22.96 18.79
N ILE C 17 0.98 22.19 18.15
CA ILE C 17 0.19 22.66 16.98
C ILE C 17 -0.64 23.87 17.38
N THR C 18 -1.32 23.76 18.54
CA THR C 18 -2.13 24.85 19.08
C THR C 18 -1.33 26.14 19.24
N GLU C 19 -0.11 26.04 19.79
CA GLU C 19 0.75 27.23 19.91
C GLU C 19 1.02 27.87 18.55
N ILE C 20 1.39 27.04 17.58
CA ILE C 20 1.72 27.53 16.24
C ILE C 20 0.47 28.14 15.56
N TYR C 21 -0.67 27.46 15.68
CA TYR C 21 -1.97 27.95 15.16
C TYR C 21 -2.33 29.33 15.74
N ASN C 22 -2.28 29.44 17.07
CA ASN C 22 -2.58 30.68 17.78
C ASN C 22 -1.62 31.82 17.44
N HIS C 23 -0.34 31.49 17.26
CA HIS C 23 0.61 32.48 16.75
C HIS C 23 0.15 33.02 15.38
N ALA C 24 -0.18 32.09 14.47
CA ALA C 24 -0.64 32.48 13.13
C ALA C 24 -1.86 33.41 13.25
N VAL C 25 -2.79 33.02 14.11
CA VAL C 25 -4.04 33.77 14.34
C VAL C 25 -3.79 35.20 14.86
N LEU C 26 -2.94 35.32 15.88
CA LEU C 26 -2.78 36.61 16.55
C LEU C 26 -1.82 37.55 15.82
N HIS C 27 -0.77 37.00 15.22
CA HIS C 27 0.40 37.79 14.88
C HIS C 27 0.76 37.81 13.41
N THR C 28 -0.09 37.21 12.59
CA THR C 28 0.17 37.08 11.16
C THR C 28 -1.10 37.27 10.37
N ALA C 29 -0.93 37.49 9.05
CA ALA C 29 -2.03 37.43 8.11
C ALA C 29 -1.97 36.12 7.30
N ALA C 30 -1.35 35.10 7.89
CA ALA C 30 -1.20 33.80 7.22
C ALA C 30 -2.45 32.93 7.39
N ILE C 31 -3.27 33.27 8.37
CA ILE C 31 -4.59 32.66 8.53
C ILE C 31 -5.57 33.77 8.81
N TRP C 32 -6.73 33.74 8.13
CA TRP C 32 -7.69 34.82 8.31
C TRP C 32 -8.79 34.42 9.31
N ASN C 33 -8.35 34.03 10.51
CA ASN C 33 -9.18 33.80 11.67
C ASN C 33 -8.64 34.71 12.75
N ASP C 34 -9.50 35.08 13.71
CA ASP C 34 -9.17 36.15 14.68
C ASP C 34 -8.98 35.73 16.15
N ARG C 35 -9.58 34.62 16.56
CA ARG C 35 -9.47 34.23 17.96
C ARG C 35 -8.68 32.93 18.16
N THR C 36 -8.02 32.87 19.29
CA THR C 36 -7.20 31.73 19.68
C THR C 36 -8.10 30.57 20.09
N VAL C 37 -7.55 29.35 20.05
CA VAL C 37 -8.28 28.18 20.50
C VAL C 37 -7.47 27.49 21.59
N ASP C 38 -8.05 26.48 22.22
CA ASP C 38 -7.29 25.68 23.17
C ASP C 38 -6.84 24.34 22.59
N THR C 39 -6.04 23.60 23.33
CA THR C 39 -5.53 22.30 22.87
C THR C 39 -6.66 21.31 22.54
N ASP C 40 -7.72 21.29 23.36
CA ASP C 40 -8.86 20.40 23.11
C ASP C 40 -9.49 20.66 21.74
N ASN C 41 -9.52 21.92 21.34
CA ASN C 41 -10.04 22.32 20.05
C ASN C 41 -9.21 21.76 18.90
N ARG C 42 -7.88 21.80 19.04
CA ARG C 42 -6.99 21.25 18.00
C ARG C 42 -6.96 19.72 17.99
N LEU C 43 -7.20 19.12 19.15
CA LEU C 43 -7.42 17.67 19.22
C LEU C 43 -8.68 17.30 18.43
N ALA C 44 -9.76 18.06 18.64
CA ALA C 44 -11.02 17.88 17.92
C ALA C 44 -10.77 17.99 16.41
N TRP C 45 -10.11 19.07 16.01
CA TRP C 45 -9.74 19.31 14.62
C TRP C 45 -8.88 18.18 14.05
N TYR C 46 -7.90 17.72 14.83
CA TYR C 46 -7.01 16.62 14.45
C TYR C 46 -7.80 15.33 14.19
N GLU C 47 -8.69 14.99 15.13
CA GLU C 47 -9.53 13.80 14.99
C GLU C 47 -10.42 13.85 13.76
N ALA C 48 -11.07 15.00 13.55
CA ALA C 48 -11.87 15.19 12.36
C ALA C 48 -11.06 14.93 11.09
N ARG C 49 -9.82 15.42 11.02
CA ARG C 49 -8.95 15.17 9.86
C ARG C 49 -8.67 13.68 9.70
N GLN C 50 -8.33 13.02 10.80
CA GLN C 50 -8.13 11.57 10.81
C GLN C 50 -9.36 10.83 10.27
N LEU C 51 -10.54 11.29 10.70
CA LEU C 51 -11.82 10.70 10.26
C LEU C 51 -11.99 10.82 8.74
N LEU C 52 -11.52 11.94 8.16
CA LEU C 52 -11.58 12.16 6.71
C LEU C 52 -10.47 11.42 5.95
N GLY C 53 -9.51 10.85 6.67
CA GLY C 53 -8.32 10.26 6.06
C GLY C 53 -7.32 11.32 5.57
N TYR C 54 -7.44 12.54 6.07
CA TYR C 54 -6.53 13.62 5.65
C TYR C 54 -5.31 13.75 6.57
N PRO C 55 -4.16 14.16 6.00
CA PRO C 55 -2.93 14.11 6.78
C PRO C 55 -2.76 15.33 7.68
N VAL C 56 -2.18 15.08 8.86
CA VAL C 56 -1.64 16.16 9.68
C VAL C 56 -0.16 15.80 9.86
N LEU C 57 0.72 16.65 9.34
CA LEU C 57 2.18 16.42 9.40
C LEU C 57 2.80 17.39 10.41
N VAL C 58 3.89 16.97 11.04
CA VAL C 58 4.70 17.92 11.81
C VAL C 58 6.14 17.85 11.34
N SER C 59 6.83 19.00 11.36
CA SER C 59 8.29 19.02 11.33
C SER C 59 8.84 18.98 12.77
N GLU C 60 9.96 18.29 12.94
CA GLU C 60 10.54 18.11 14.26
C GLU C 60 12.05 18.29 14.15
N GLU C 61 12.64 18.87 15.20
CA GLU C 61 14.09 19.07 15.31
C GLU C 61 14.42 18.94 16.79
N ASN C 62 15.33 18.02 17.11
CA ASN C 62 15.74 17.76 18.48
C ASN C 62 14.52 17.55 19.39
N GLY C 63 13.53 16.83 18.88
CA GLY C 63 12.31 16.56 19.62
C GLY C 63 11.31 17.71 19.75
N VAL C 64 11.59 18.86 19.12
CA VAL C 64 10.68 20.02 19.20
C VAL C 64 9.90 20.13 17.88
N VAL C 65 8.57 20.30 17.98
CA VAL C 65 7.74 20.53 16.79
C VAL C 65 7.99 21.96 16.30
N THR C 66 8.53 22.07 15.09
CA THR C 66 8.93 23.37 14.50
C THR C 66 7.93 23.91 13.47
N GLY C 67 6.95 23.08 13.12
CA GLY C 67 5.95 23.45 12.12
C GLY C 67 4.94 22.34 11.92
N TYR C 68 3.83 22.66 11.26
CA TYR C 68 2.88 21.63 10.91
C TYR C 68 2.17 21.96 9.60
N ALA C 69 1.57 20.93 9.01
CA ALA C 69 0.88 21.09 7.72
C ALA C 69 -0.30 20.13 7.66
N SER C 70 -1.36 20.56 6.98
CA SER C 70 -2.52 19.70 6.74
C SER C 70 -3.22 20.18 5.47
N PHE C 71 -4.20 19.41 5.00
CA PHE C 71 -5.15 19.97 4.05
C PHE C 71 -6.55 19.54 4.40
N GLY C 72 -7.50 20.33 3.91
CA GLY C 72 -8.91 20.01 3.99
C GLY C 72 -9.61 20.30 2.69
N ASP C 73 -10.90 19.99 2.65
CA ASP C 73 -11.69 20.28 1.47
C ASP C 73 -11.69 21.77 1.22
N TRP C 74 -11.51 22.16 -0.03
CA TRP C 74 -11.44 23.57 -0.41
C TRP C 74 -12.81 24.23 -0.30
N ARG C 75 -13.82 23.53 -0.78
CA ARG C 75 -15.22 23.99 -0.77
C ARG C 75 -16.16 22.85 -0.36
N SER C 76 -17.40 23.15 0.04
CA SER C 76 -18.31 22.15 0.61
C SER C 76 -18.98 21.22 -0.41
N PHE C 77 -19.21 21.75 -1.61
CA PHE C 77 -20.03 21.03 -2.60
C PHE C 77 -19.35 19.79 -3.20
N ASP C 78 -20.16 18.78 -3.55
CA ASP C 78 -19.70 17.49 -4.08
C ASP C 78 -18.68 17.63 -5.20
N GLY C 79 -18.90 18.60 -6.07
CA GLY C 79 -18.10 18.77 -7.25
C GLY C 79 -16.66 19.18 -6.96
N PHE C 80 -16.39 19.64 -5.75
CA PHE C 80 -15.05 20.05 -5.38
C PHE C 80 -14.25 19.00 -4.60
N ARG C 81 -14.78 17.78 -4.55
CA ARG C 81 -14.25 16.75 -3.64
C ARG C 81 -12.86 16.21 -4.01
N TYR C 82 -12.35 16.59 -5.19
CA TYR C 82 -10.95 16.28 -5.51
C TYR C 82 -10.01 17.48 -5.44
N THR C 83 -10.51 18.60 -4.90
CA THR C 83 -9.73 19.82 -4.69
C THR C 83 -9.59 20.11 -3.20
N VAL C 84 -8.35 20.16 -2.74
CA VAL C 84 -8.05 20.42 -1.34
C VAL C 84 -7.28 21.73 -1.19
N GLU C 85 -7.40 22.34 -0.02
CA GLU C 85 -6.66 23.54 0.29
C GLU C 85 -5.75 23.27 1.49
N HIS C 86 -4.48 23.65 1.36
CA HIS C 86 -3.46 23.31 2.37
C HIS C 86 -3.36 24.38 3.43
N SER C 87 -2.83 24.00 4.59
CA SER C 87 -2.42 24.96 5.57
C SER C 87 -1.06 24.48 6.08
N VAL C 88 -0.07 25.36 5.95
CA VAL C 88 1.30 25.08 6.40
C VAL C 88 1.72 26.23 7.30
N TYR C 89 2.03 25.94 8.55
CA TYR C 89 2.42 26.98 9.50
C TYR C 89 3.72 26.59 10.18
N VAL C 90 4.70 27.49 10.12
CA VAL C 90 5.98 27.29 10.75
C VAL C 90 6.05 28.13 12.06
N HIS C 91 6.63 27.53 13.09
CA HIS C 91 6.74 28.17 14.39
C HIS C 91 7.64 29.40 14.21
N PRO C 92 7.32 30.55 14.87
CA PRO C 92 8.13 31.74 14.57
C PRO C 92 9.60 31.67 14.97
N ALA C 93 9.98 30.70 15.79
CA ALA C 93 11.39 30.51 16.18
C ALA C 93 12.16 29.71 15.13
N HIS C 94 11.45 29.29 14.08
CA HIS C 94 11.99 28.32 13.12
C HIS C 94 11.83 28.64 11.65
N GLN C 95 11.63 29.89 11.27
CA GLN C 95 11.62 30.08 9.81
C GLN C 95 12.92 30.67 9.23
N GLY C 96 12.99 30.80 7.91
CA GLY C 96 14.26 31.01 7.22
C GLY C 96 15.07 29.73 7.14
N LYS C 97 14.43 28.60 7.45
CA LYS C 97 15.09 27.29 7.41
C LYS C 97 14.52 26.35 6.34
N GLY C 98 13.62 26.88 5.50
CA GLY C 98 13.05 26.10 4.40
C GLY C 98 12.07 25.02 4.83
N LEU C 99 11.56 25.13 6.06
CA LEU C 99 10.62 24.10 6.57
C LEU C 99 9.28 24.13 5.85
N GLY C 100 8.78 25.33 5.57
CA GLY C 100 7.51 25.47 4.87
C GLY C 100 7.48 24.67 3.57
N ARG C 101 8.55 24.80 2.77
CA ARG C 101 8.59 24.13 1.47
C ARG C 101 8.65 22.62 1.64
N LYS C 102 9.47 22.17 2.60
CA LYS C 102 9.61 20.73 2.88
C LYS C 102 8.30 20.10 3.36
N LEU C 103 7.61 20.80 4.27
CA LEU C 103 6.28 20.39 4.71
C LEU C 103 5.30 20.31 3.54
N LEU C 104 5.30 21.35 2.72
CA LEU C 104 4.37 21.42 1.60
C LEU C 104 4.64 20.29 0.58
N SER C 105 5.91 20.01 0.33
N SER C 105 5.90 19.99 0.29
CA SER C 105 6.29 18.94 -0.60
CA SER C 105 6.16 18.91 -0.68
C SER C 105 5.73 17.60 -0.11
C SER C 105 5.82 17.50 -0.14
N ARG C 106 5.96 17.29 1.16
CA ARG C 106 5.44 16.05 1.76
C ARG C 106 3.90 16.01 1.68
N LEU C 107 3.25 17.14 1.97
CA LEU C 107 1.79 17.27 1.90
C LEU C 107 1.23 16.89 0.52
N ILE C 108 1.91 17.37 -0.52
CA ILE C 108 1.51 17.10 -1.90
C ILE C 108 1.50 15.59 -2.19
N ASP C 109 2.51 14.89 -1.67
CA ASP C 109 2.62 13.45 -1.80
C ASP C 109 1.41 12.77 -1.16
N GLU C 110 1.03 13.26 0.02
CA GLU C 110 -0.12 12.71 0.75
C GLU C 110 -1.40 12.98 -0.02
N ALA C 111 -1.49 14.17 -0.63
CA ALA C 111 -2.64 14.51 -1.47
C ALA C 111 -2.80 13.52 -2.64
N ARG C 112 -1.70 13.15 -3.30
CA ARG C 112 -1.79 12.12 -4.35
C ARG C 112 -2.29 10.76 -3.81
N ARG C 113 -1.82 10.36 -2.63
CA ARG C 113 -2.30 9.11 -2.00
C ARG C 113 -3.80 9.11 -1.70
N CYS C 114 -4.37 10.31 -1.55
CA CYS C 114 -5.80 10.47 -1.30
C CYS C 114 -6.57 10.64 -2.63
N GLY C 115 -5.84 10.53 -3.75
CA GLY C 115 -6.39 10.75 -5.10
C GLY C 115 -6.80 12.18 -5.44
N LYS C 116 -6.33 13.16 -4.66
CA LYS C 116 -6.75 14.54 -4.90
C LYS C 116 -6.19 15.04 -6.23
N HIS C 117 -6.99 15.84 -6.94
CA HIS C 117 -6.64 16.26 -8.31
C HIS C 117 -6.00 17.65 -8.40
N VAL C 118 -6.36 18.54 -7.47
CA VAL C 118 -5.77 19.90 -7.44
C VAL C 118 -5.52 20.27 -5.97
N VAL C 120 -4.93 23.70 -3.71
CA VAL C 120 -5.05 25.14 -3.75
C VAL C 120 -4.33 25.75 -2.54
N ALA C 121 -3.62 26.85 -2.77
CA ALA C 121 -3.08 27.65 -1.70
C ALA C 121 -3.80 29.01 -1.70
N GLY C 122 -4.21 29.46 -0.52
CA GLY C 122 -4.79 30.80 -0.33
C GLY C 122 -3.69 31.62 0.33
N ILE C 123 -3.26 32.68 -0.33
CA ILE C 123 -2.07 33.44 0.08
C ILE C 123 -2.44 34.92 0.08
N GLU C 124 -2.10 35.66 1.14
CA GLU C 124 -2.27 37.12 1.10
C GLU C 124 -1.46 37.65 -0.08
N SER C 125 -2.05 38.51 -0.91
CA SER C 125 -1.47 38.82 -2.21
C SER C 125 -0.10 39.49 -2.13
N GLN C 126 0.15 40.15 -1.00
CA GLN C 126 1.40 40.88 -0.80
C GLN C 126 2.57 40.00 -0.29
N ASN C 127 2.27 38.73 0.02
CA ASN C 127 3.27 37.75 0.49
C ASN C 127 4.10 37.16 -0.66
N ALA C 128 5.03 37.96 -1.13
CA ALA C 128 5.88 37.60 -2.25
C ALA C 128 6.70 36.34 -1.96
N ALA C 129 7.17 36.18 -0.73
CA ALA C 129 7.95 35.00 -0.35
C ALA C 129 7.16 33.71 -0.50
N SER C 130 5.91 33.73 -0.05
CA SER C 130 5.04 32.56 -0.18
C SER C 130 4.74 32.25 -1.67
N ILE C 131 4.50 33.30 -2.45
CA ILE C 131 4.29 33.15 -3.88
C ILE C 131 5.49 32.48 -4.57
N ARG C 132 6.69 32.93 -4.23
CA ARG C 132 7.93 32.33 -4.75
C ARG C 132 8.07 30.85 -4.37
N LEU C 133 7.80 30.55 -3.11
CA LEU C 133 7.90 29.20 -2.59
C LEU C 133 6.94 28.30 -3.36
N HIS C 134 5.72 28.78 -3.56
CA HIS C 134 4.75 27.99 -4.31
C HIS C 134 5.10 27.81 -5.79
N HIS C 135 5.58 28.86 -6.46
CA HIS C 135 6.06 28.73 -7.84
C HIS C 135 7.14 27.66 -7.96
N SER C 136 7.99 27.58 -6.95
CA SER C 136 9.11 26.63 -6.94
C SER C 136 8.65 25.17 -6.83
N LEU C 137 7.39 24.98 -6.45
CA LEU C 137 6.77 23.66 -6.39
C LEU C 137 5.77 23.43 -7.53
N GLY C 138 5.76 24.34 -8.49
CA GLY C 138 4.96 24.12 -9.69
C GLY C 138 3.57 24.71 -9.61
N PHE C 139 3.28 25.43 -8.52
CA PHE C 139 1.98 26.13 -8.39
C PHE C 139 1.92 27.30 -9.37
N THR C 140 0.71 27.63 -9.85
CA THR C 140 0.52 28.84 -10.63
C THR C 140 -0.60 29.72 -10.02
N VAL C 141 -0.49 31.02 -10.23
CA VAL C 141 -1.50 31.97 -9.74
C VAL C 141 -2.74 31.89 -10.62
N THR C 142 -3.87 31.56 -9.99
CA THR C 142 -5.14 31.46 -10.70
C THR C 142 -6.24 32.37 -10.16
N ALA C 143 -5.96 33.09 -9.06
CA ALA C 143 -6.89 34.14 -8.56
C ALA C 143 -6.14 35.30 -7.92
N GLN C 144 -6.65 36.51 -8.15
N GLN C 144 -6.65 36.51 -8.14
CA GLN C 144 -6.21 37.72 -7.48
CA GLN C 144 -6.20 37.73 -7.46
C GLN C 144 -7.48 38.51 -7.10
C GLN C 144 -7.46 38.52 -7.10
N PRO C 146 -9.26 41.21 -4.80
CA PRO C 146 -9.09 42.33 -3.83
C PRO C 146 -10.17 42.44 -2.75
N GLN C 147 -9.74 42.76 -1.54
CA GLN C 147 -10.62 43.13 -0.41
C GLN C 147 -11.64 42.07 0.03
N VAL C 148 -11.35 40.79 -0.25
CA VAL C 148 -12.24 39.69 0.11
C VAL C 148 -12.05 39.30 1.59
N GLY C 149 -10.91 39.69 2.16
CA GLY C 149 -10.63 39.39 3.57
C GLY C 149 -10.51 40.64 4.42
N VAL C 150 -10.48 40.44 5.73
CA VAL C 150 -10.31 41.59 6.65
C VAL C 150 -9.55 41.12 7.88
N LYS C 151 -8.56 41.89 8.30
CA LYS C 151 -7.85 41.63 9.56
C LYS C 151 -7.06 42.88 9.94
N PHE C 152 -6.88 43.11 11.25
CA PHE C 152 -6.01 44.21 11.72
C PHE C 152 -6.39 45.58 11.16
N GLY C 153 -7.68 45.81 10.93
CA GLY C 153 -8.19 47.10 10.53
C GLY C 153 -8.06 47.42 9.07
N ARG C 154 -7.68 46.42 8.28
CA ARG C 154 -7.54 46.62 6.83
C ARG C 154 -8.21 45.55 5.99
N TRP C 155 -8.69 45.94 4.80
CA TRP C 155 -9.17 44.94 3.82
C TRP C 155 -7.96 44.22 3.27
N LEU C 156 -8.09 42.91 3.09
CA LEU C 156 -7.00 42.06 2.61
C LEU C 156 -7.32 41.50 1.22
N ASP C 157 -6.27 41.41 0.39
CA ASP C 157 -6.38 40.81 -0.94
C ASP C 157 -5.92 39.35 -0.89
N LEU C 158 -6.64 38.50 -1.65
CA LEU C 158 -6.35 37.06 -1.64
C LEU C 158 -5.82 36.63 -3.00
N THR C 159 -4.73 35.88 -2.98
CA THR C 159 -4.25 35.20 -4.16
C THR C 159 -4.55 33.71 -4.00
N PHE C 160 -5.13 33.08 -5.01
CA PHE C 160 -5.12 31.62 -5.05
C PHE C 160 -4.04 31.16 -5.99
N GLN C 162 -2.55 27.26 -7.54
CA GLN C 162 -2.94 25.87 -7.60
C GLN C 162 -1.93 24.98 -8.30
N LEU C 163 -2.00 23.70 -7.99
CA LEU C 163 -1.13 22.68 -8.59
C LEU C 163 -2.00 21.50 -8.95
N GLN C 164 -2.04 21.16 -10.23
CA GLN C 164 -2.74 19.95 -10.68
C GLN C 164 -1.84 18.75 -10.40
N LEU C 165 -2.41 17.73 -9.77
CA LEU C 165 -1.64 16.61 -9.23
C LEU C 165 -1.52 15.37 -10.16
N ASP C 166 -2.34 15.32 -11.21
CA ASP C 166 -2.33 14.21 -12.17
C ASP C 166 -3.05 14.63 -13.43
N GLU C 167 -2.89 13.88 -14.50
CA GLU C 167 -3.57 14.17 -15.75
C GLU C 167 -4.55 13.07 -16.15
N HIS C 168 -5.04 12.32 -15.16
CA HIS C 168 -6.03 11.26 -15.39
C HIS C 168 -7.43 11.79 -15.61
N ALA C 169 -8.27 10.94 -16.19
CA ALA C 169 -9.68 11.26 -16.38
C ALA C 169 -10.41 11.45 -15.05
N ALA C 170 -11.52 12.19 -15.11
CA ALA C 170 -12.43 12.37 -13.99
C ALA C 170 -13.21 11.07 -13.74
N PRO C 171 -13.77 10.90 -12.54
CA PRO C 171 -14.66 9.75 -12.31
C PRO C 171 -15.87 9.73 -13.24
N ASP C 172 -16.42 8.53 -13.45
CA ASP C 172 -17.54 8.36 -14.38
C ASP C 172 -18.73 9.23 -13.98
N ALA C 173 -19.49 9.69 -14.98
CA ALA C 173 -20.61 10.65 -14.84
C ALA C 173 -21.19 10.89 -13.45
#